data_1J17
#
_entry.id   1J17
#
_cell.length_a   124.78
_cell.length_b   124.78
_cell.length_c   124.78
_cell.angle_alpha   90.00
_cell.angle_beta   90.00
_cell.angle_gamma   90.00
#
_symmetry.space_group_name_H-M   'I 2 3'
#
loop_
_entity.id
_entity.type
_entity.pdbx_description
1 polymer 'Trypsin II, anionic'
2 non-polymer 'CALCIUM ION'
3 non-polymer 'SULFATE ION'
4 non-polymer "[4-(6-CHLORO-NAPHTHALENE-2-SULFONYL)-PIPERAZIN-1-YL]- (3,4,5,6-TETRAHYDRO-2H-[1,4']BIPYRIDINYL-4-YL)- METHANONE"
5 water water
#
_entity_poly.entity_id   1
_entity_poly.type   'polypeptide(L)'
_entity_poly.pdbx_seq_one_letter_code
;IVGGYTCQENSVPYQVSLNSGYHFCGGSLINDQWVVSAAHCYKSRIQVRLGEHNINVLEGNEQFVNAAKIIKHPNFDRET
YNNDIMLIKLSSPVKLNARVATVALPSSCAPAGTQCLISGWGNTLSSGVNEPDLLQCLDAPLLPQADCEASSSFIITDNM
VCVGFLEGGKDACQGDSGGPVVCNGELQGIVSWGYGCALPDNPGVYTKVCNYVDWIQDTIAAN
;
_entity_poly.pdbx_strand_id   T
#
loop_
_chem_comp.id
_chem_comp.type
_chem_comp.name
_chem_comp.formula
CA non-polymer 'CALCIUM ION' 'Ca 2'
SO4 non-polymer 'SULFATE ION' 'O4 S -2'
ZEN non-polymer '[4-(6-CHLORO-NAPHTHALENE-2-SULFONYL)-PIPERAZIN-1-YL]- (3,4,5,6-TETRAHYDRO-2H-[1,4']BIPYRIDINYL-4-YL)- METHANONE' 'C25 H27 Cl N4 O3 S'
#
# COMPACT_ATOMS: atom_id res chain seq x y z
N ILE A 1 2.08 10.33 -3.13
CA ILE A 1 0.63 10.71 -3.17
C ILE A 1 0.55 12.10 -3.79
N VAL A 2 -0.20 12.24 -4.88
CA VAL A 2 -0.38 13.51 -5.57
C VAL A 2 -1.72 14.11 -5.12
N GLY A 3 -1.72 15.39 -4.75
CA GLY A 3 -2.94 16.05 -4.31
C GLY A 3 -3.53 15.65 -2.97
N GLY A 4 -2.72 15.04 -2.11
CA GLY A 4 -3.17 14.64 -0.79
C GLY A 4 -2.79 15.66 0.26
N TYR A 5 -2.81 15.26 1.52
CA TYR A 5 -2.48 16.16 2.62
C TYR A 5 -1.51 15.45 3.57
N THR A 6 -0.76 16.20 4.35
CA THR A 6 0.17 15.59 5.30
C THR A 6 -0.65 14.97 6.43
N CYS A 7 -0.48 13.66 6.66
CA CYS A 7 -1.21 12.98 7.72
C CYS A 7 -0.76 13.50 9.07
N GLN A 8 -1.67 13.48 10.05
CA GLN A 8 -1.30 13.89 11.40
C GLN A 8 -0.27 12.85 11.85
N GLU A 9 0.71 13.29 12.63
CA GLU A 9 1.78 12.43 13.11
C GLU A 9 1.29 11.13 13.74
N ASN A 10 1.78 10.02 13.20
CA ASN A 10 1.42 8.69 13.68
C ASN A 10 -0.08 8.37 13.69
N SER A 11 -0.84 9.04 12.82
CA SER A 11 -2.27 8.78 12.73
C SER A 11 -2.60 7.57 11.84
N VAL A 12 -1.57 7.02 11.18
CA VAL A 12 -1.68 5.85 10.30
C VAL A 12 -0.60 4.90 10.84
N PRO A 13 -0.82 4.34 12.05
CA PRO A 13 0.10 3.42 12.74
C PRO A 13 0.45 2.08 12.11
N TYR A 14 -0.32 1.66 11.12
CA TYR A 14 -0.06 0.39 10.43
C TYR A 14 0.83 0.59 9.21
N GLN A 15 1.09 1.85 8.86
CA GLN A 15 1.91 2.15 7.69
C GLN A 15 3.39 1.92 7.95
N VAL A 16 4.05 1.20 7.04
CA VAL A 16 5.48 0.95 7.17
C VAL A 16 6.18 1.37 5.88
N SER A 17 7.47 1.64 5.98
CA SER A 17 8.29 2.00 4.84
C SER A 17 9.26 0.85 4.60
N LEU A 18 9.38 0.42 3.36
CA LEU A 18 10.33 -0.64 3.01
C LEU A 18 11.59 0.10 2.55
N ASN A 19 12.69 -0.17 3.23
CA ASN A 19 13.94 0.52 2.98
C ASN A 19 15.06 -0.43 2.57
N SER A 20 15.85 -0.04 1.57
CA SER A 20 17.00 -0.81 1.15
C SER A 20 18.09 0.25 0.97
N GLY A 21 18.29 1.05 2.00
CA GLY A 21 19.24 2.14 1.95
C GLY A 21 18.50 3.43 1.62
N TYR A 22 17.28 3.28 1.09
CA TYR A 22 16.40 4.38 0.72
C TYR A 22 15.00 3.81 0.74
N HIS A 23 14.00 4.67 0.91
CA HIS A 23 12.61 4.23 0.90
C HIS A 23 12.26 3.89 -0.53
N PHE A 24 11.69 2.71 -0.78
CA PHE A 24 11.31 2.35 -2.15
C PHE A 24 9.86 1.86 -2.28
N CYS A 25 9.22 1.51 -1.17
CA CYS A 25 7.84 1.02 -1.21
C CYS A 25 7.21 1.14 0.15
N GLY A 26 5.89 0.99 0.21
CA GLY A 26 5.19 1.07 1.47
C GLY A 26 4.67 -0.32 1.81
N GLY A 27 3.97 -0.41 2.93
CA GLY A 27 3.41 -1.68 3.34
C GLY A 27 2.51 -1.47 4.54
N SER A 28 1.83 -2.53 4.97
CA SER A 28 0.91 -2.49 6.11
C SER A 28 1.23 -3.59 7.12
N LEU A 29 1.20 -3.25 8.40
CA LEU A 29 1.45 -4.19 9.49
C LEU A 29 0.13 -4.89 9.78
N ILE A 30 0.07 -6.22 9.60
CA ILE A 30 -1.17 -6.96 9.83
C ILE A 30 -1.18 -7.75 11.15
N ASN A 31 0.00 -7.90 11.74
CA ASN A 31 0.15 -8.54 13.05
C ASN A 31 1.56 -8.21 13.53
N ASP A 32 1.88 -8.50 14.78
CA ASP A 32 3.20 -8.13 15.29
C ASP A 32 4.45 -8.64 14.56
N GLN A 33 4.29 -9.51 13.58
CA GLN A 33 5.47 -10.01 12.88
C GLN A 33 5.30 -10.17 11.38
N TRP A 34 4.17 -9.70 10.85
CA TRP A 34 3.91 -9.81 9.43
C TRP A 34 3.43 -8.52 8.78
N VAL A 35 3.96 -8.23 7.60
CA VAL A 35 3.65 -7.05 6.82
C VAL A 35 3.18 -7.50 5.45
N VAL A 36 2.19 -6.82 4.89
CA VAL A 36 1.69 -7.15 3.56
C VAL A 36 2.08 -5.98 2.63
N SER A 37 2.61 -6.30 1.45
CA SER A 37 3.03 -5.29 0.49
C SER A 37 2.73 -5.80 -0.92
N ALA A 38 3.34 -5.16 -1.92
CA ALA A 38 3.14 -5.54 -3.31
C ALA A 38 4.29 -6.40 -3.78
N ALA A 39 3.99 -7.45 -4.54
CA ALA A 39 5.02 -8.35 -5.06
C ALA A 39 6.04 -7.60 -5.93
N HIS A 40 5.59 -6.55 -6.61
CA HIS A 40 6.51 -5.82 -7.45
C HIS A 40 7.56 -5.04 -6.63
N CYS A 41 7.39 -5.02 -5.31
CA CYS A 41 8.33 -4.35 -4.41
C CYS A 41 9.38 -5.34 -3.87
N TYR A 42 9.41 -6.55 -4.44
CA TYR A 42 10.36 -7.56 -4.00
C TYR A 42 11.84 -7.18 -4.13
N LYS A 43 12.60 -7.48 -3.08
CA LYS A 43 14.05 -7.28 -3.05
C LYS A 43 14.54 -8.39 -2.14
N SER A 44 15.77 -8.87 -2.36
CA SER A 44 16.31 -9.96 -1.56
C SER A 44 16.58 -9.64 -0.09
N ARG A 45 16.76 -8.36 0.21
CA ARG A 45 17.00 -7.90 1.57
C ARG A 45 16.23 -6.60 1.78
N ILE A 46 15.39 -6.55 2.80
CA ILE A 46 14.59 -5.36 3.06
C ILE A 46 14.56 -5.05 4.56
N GLN A 47 14.70 -3.78 4.90
CA GLN A 47 14.60 -3.36 6.28
C GLN A 47 13.25 -2.66 6.36
N VAL A 48 12.40 -3.12 7.26
CA VAL A 48 11.08 -2.55 7.45
C VAL A 48 11.14 -1.47 8.53
N ARG A 49 10.65 -0.29 8.22
CA ARG A 49 10.67 0.80 9.18
C ARG A 49 9.27 1.14 9.64
N LEU A 50 9.02 1.05 10.95
CA LEU A 50 7.73 1.32 11.54
C LEU A 50 7.74 2.57 12.42
N GLY A 51 6.56 3.09 12.73
CA GLY A 51 6.42 4.27 13.58
C GLY A 51 7.00 5.53 12.97
N GLU A 52 7.01 5.57 11.65
CA GLU A 52 7.56 6.70 10.91
C GLU A 52 6.57 7.79 10.55
N HIS A 53 7.07 9.02 10.53
CA HIS A 53 6.28 10.15 10.07
C HIS A 53 7.20 10.84 9.07
N ASN A 54 8.32 11.37 9.56
CA ASN A 54 9.33 12.00 8.69
C ASN A 54 10.35 10.88 8.45
N ILE A 55 10.43 10.35 7.23
CA ILE A 55 11.37 9.26 6.99
C ILE A 55 12.83 9.67 6.99
N ASN A 56 13.08 10.98 6.93
CA ASN A 56 14.45 11.47 6.91
C ASN A 56 14.96 12.06 8.22
N VAL A 57 14.16 11.96 9.28
CA VAL A 57 14.54 12.51 10.57
C VAL A 57 14.11 11.56 11.68
N LEU A 58 15.02 11.26 12.60
CA LEU A 58 14.73 10.38 13.72
C LEU A 58 13.90 11.16 14.72
N GLU A 59 12.70 10.65 14.99
CA GLU A 59 11.76 11.31 15.87
C GLU A 59 11.59 10.65 17.22
N GLY A 60 12.01 9.40 17.33
CA GLY A 60 11.87 8.73 18.61
C GLY A 60 10.77 7.69 18.72
N ASN A 61 10.06 7.41 17.63
CA ASN A 61 8.99 6.40 17.65
C ASN A 61 9.27 5.26 16.67
N GLU A 62 10.42 5.31 16.02
CA GLU A 62 10.77 4.30 15.03
C GLU A 62 11.27 2.99 15.57
N GLN A 63 10.95 1.94 14.82
CA GLN A 63 11.39 0.59 15.09
C GLN A 63 11.80 0.10 13.71
N PHE A 64 13.07 -0.27 13.54
CA PHE A 64 13.54 -0.76 12.25
C PHE A 64 13.80 -2.24 12.44
N VAL A 65 13.19 -3.08 11.62
CA VAL A 65 13.34 -4.53 11.74
C VAL A 65 13.64 -5.11 10.35
N ASN A 66 14.50 -6.11 10.28
CA ASN A 66 14.82 -6.70 8.99
C ASN A 66 13.82 -7.76 8.60
N ALA A 67 13.59 -7.91 7.30
CA ALA A 67 12.69 -8.92 6.78
C ALA A 67 13.42 -10.26 6.89
N ALA A 68 12.73 -11.27 7.39
CA ALA A 68 13.30 -12.61 7.54
C ALA A 68 12.87 -13.45 6.32
N LYS A 69 11.58 -13.46 6.02
CA LYS A 69 11.04 -14.19 4.88
C LYS A 69 10.26 -13.21 4.01
N ILE A 70 10.56 -13.19 2.72
CA ILE A 70 9.90 -12.30 1.76
C ILE A 70 9.23 -13.25 0.78
N ILE A 71 7.91 -13.33 0.86
CA ILE A 71 7.10 -14.25 0.08
C ILE A 71 6.17 -13.58 -0.92
N LYS A 72 6.49 -13.65 -2.20
CA LYS A 72 5.64 -13.08 -3.24
C LYS A 72 4.54 -14.07 -3.54
N HIS A 73 3.39 -13.57 -4.01
CA HIS A 73 2.31 -14.47 -4.35
C HIS A 73 2.85 -15.39 -5.43
N PRO A 74 2.64 -16.71 -5.29
CA PRO A 74 3.13 -17.68 -6.27
C PRO A 74 2.75 -17.36 -7.71
N ASN A 75 1.57 -16.79 -7.90
CA ASN A 75 1.10 -16.44 -9.23
C ASN A 75 1.26 -14.98 -9.63
N PHE A 76 2.19 -14.27 -9.01
CA PHE A 76 2.38 -12.88 -9.40
C PHE A 76 2.82 -12.85 -10.86
N ASP A 77 2.09 -12.12 -11.69
CA ASP A 77 2.43 -12.01 -13.10
C ASP A 77 3.04 -10.63 -13.29
N ARG A 78 4.36 -10.60 -13.49
CA ARG A 78 5.09 -9.35 -13.67
C ARG A 78 4.70 -8.50 -14.88
N GLU A 79 3.99 -9.09 -15.83
CA GLU A 79 3.57 -8.36 -17.03
C GLU A 79 2.24 -7.63 -16.86
N THR A 80 1.29 -8.29 -16.23
CA THR A 80 -0.04 -7.72 -16.02
C THR A 80 -0.27 -7.18 -14.62
N TYR A 81 0.64 -7.49 -13.72
CA TYR A 81 0.55 -7.08 -12.32
C TYR A 81 -0.58 -7.80 -11.59
N ASN A 82 -1.03 -8.92 -12.16
CA ASN A 82 -2.07 -9.71 -11.53
C ASN A 82 -1.43 -10.39 -10.32
N ASN A 83 -2.15 -10.47 -9.21
CA ASN A 83 -1.64 -11.09 -7.99
C ASN A 83 -0.44 -10.34 -7.44
N ASP A 84 -0.53 -9.03 -7.47
CA ASP A 84 0.54 -8.18 -6.98
C ASP A 84 0.42 -8.04 -5.46
N ILE A 85 0.79 -9.09 -4.75
CA ILE A 85 0.70 -9.09 -3.30
C ILE A 85 1.90 -9.89 -2.79
N MET A 86 2.46 -9.47 -1.67
CA MET A 86 3.63 -10.09 -1.08
C MET A 86 3.55 -10.01 0.44
N LEU A 87 4.04 -11.03 1.13
CA LEU A 87 4.07 -11.07 2.59
C LEU A 87 5.51 -11.04 3.09
N ILE A 88 5.74 -10.26 4.14
CA ILE A 88 7.08 -10.15 4.74
C ILE A 88 7.02 -10.53 6.21
N LYS A 89 7.78 -11.55 6.61
CA LYS A 89 7.83 -11.94 8.00
C LYS A 89 9.03 -11.23 8.60
N LEU A 90 8.84 -10.51 9.69
CA LEU A 90 9.92 -9.78 10.34
C LEU A 90 10.82 -10.73 11.13
N SER A 91 12.10 -10.38 11.26
CA SER A 91 13.06 -11.22 11.98
C SER A 91 12.70 -11.34 13.46
N SER A 92 11.94 -10.37 13.95
CA SER A 92 11.48 -10.39 15.32
C SER A 92 10.21 -9.56 15.42
N PRO A 93 9.33 -9.91 16.37
CA PRO A 93 8.08 -9.18 16.54
C PRO A 93 8.32 -7.74 16.99
N VAL A 94 7.46 -6.84 16.54
CA VAL A 94 7.58 -5.44 16.89
C VAL A 94 6.79 -5.12 18.16
N LYS A 95 7.12 -4.02 18.80
CA LYS A 95 6.42 -3.60 20.01
C LYS A 95 5.21 -2.81 19.55
N LEU A 96 4.02 -3.34 19.79
CA LEU A 96 2.80 -2.65 19.40
C LEU A 96 2.45 -1.58 20.43
N ASN A 97 2.13 -0.38 19.94
CA ASN A 97 1.77 0.73 20.80
C ASN A 97 0.88 1.70 20.03
N ALA A 98 0.79 2.93 20.50
CA ALA A 98 -0.04 3.94 19.86
C ALA A 98 0.40 4.32 18.44
N ARG A 99 1.71 4.43 18.22
CA ARG A 99 2.23 4.76 16.90
C ARG A 99 2.55 3.59 15.99
N VAL A 100 2.51 2.37 16.53
CA VAL A 100 2.77 1.16 15.75
C VAL A 100 1.64 0.20 16.09
N ALA A 101 0.73 0.01 15.16
CA ALA A 101 -0.41 -0.86 15.37
C ALA A 101 -0.76 -1.57 14.09
N THR A 102 -1.59 -2.60 14.21
CA THR A 102 -1.99 -3.40 13.07
C THR A 102 -3.29 -2.93 12.41
N VAL A 103 -3.50 -3.32 11.15
CA VAL A 103 -4.73 -3.01 10.42
C VAL A 103 -5.40 -4.38 10.14
N ALA A 104 -6.72 -4.41 10.22
CA ALA A 104 -7.48 -5.64 10.03
C ALA A 104 -7.64 -6.06 8.58
N LEU A 105 -7.69 -7.36 8.35
CA LEU A 105 -7.88 -7.91 7.02
C LEU A 105 -9.37 -7.74 6.73
N PRO A 106 -9.74 -7.57 5.44
CA PRO A 106 -11.15 -7.40 5.11
C PRO A 106 -12.03 -8.62 5.39
N SER A 107 -13.24 -8.35 5.86
CA SER A 107 -14.22 -9.40 6.14
C SER A 107 -15.01 -9.69 4.86
N SER A 108 -15.08 -8.69 3.97
CA SER A 108 -15.79 -8.82 2.71
C SER A 108 -15.23 -7.77 1.78
N CYS A 109 -15.56 -7.87 0.49
CA CYS A 109 -15.10 -6.89 -0.47
C CYS A 109 -15.94 -5.62 -0.33
N ALA A 110 -15.29 -4.49 -0.11
CA ALA A 110 -15.98 -3.23 0.06
C ALA A 110 -16.71 -2.82 -1.21
N PRO A 111 -17.90 -2.23 -1.08
CA PRO A 111 -18.66 -1.81 -2.27
C PRO A 111 -18.10 -0.54 -2.93
N ALA A 112 -18.36 -0.37 -4.23
CA ALA A 112 -17.94 0.82 -4.93
C ALA A 112 -18.65 1.97 -4.23
N GLY A 113 -17.98 3.10 -4.10
CA GLY A 113 -18.60 4.22 -3.42
C GLY A 113 -18.13 4.35 -1.99
N THR A 114 -17.41 3.34 -1.49
CA THR A 114 -16.86 3.37 -0.13
C THR A 114 -15.69 4.35 -0.10
N GLN A 115 -15.60 5.16 0.95
CA GLN A 115 -14.52 6.13 1.08
C GLN A 115 -13.37 5.43 1.81
N CYS A 116 -12.18 5.60 1.27
CA CYS A 116 -10.99 4.96 1.82
C CYS A 116 -9.86 5.95 2.04
N LEU A 117 -8.84 5.51 2.75
CA LEU A 117 -7.66 6.34 3.01
C LEU A 117 -6.42 5.66 2.43
N ILE A 118 -5.72 6.40 1.57
CA ILE A 118 -4.49 5.93 0.95
C ILE A 118 -3.37 6.78 1.54
N SER A 119 -2.23 6.16 1.84
CA SER A 119 -1.10 6.89 2.41
C SER A 119 0.24 6.41 1.88
N GLY A 120 1.24 7.28 1.97
CA GLY A 120 2.57 6.91 1.51
C GLY A 120 3.55 8.06 1.41
N TRP A 121 4.82 7.70 1.14
CA TRP A 121 5.91 8.66 0.98
C TRP A 121 6.33 8.66 -0.51
N GLY A 122 5.39 8.34 -1.39
CA GLY A 122 5.69 8.33 -2.80
C GLY A 122 5.66 9.70 -3.41
N ASN A 123 6.01 9.76 -4.69
CA ASN A 123 6.06 10.98 -5.49
C ASN A 123 4.78 11.81 -5.32
N THR A 124 4.95 13.10 -5.06
CA THR A 124 3.82 14.01 -4.89
C THR A 124 3.47 14.85 -6.13
N LEU A 125 4.16 14.62 -7.23
CA LEU A 125 3.94 15.40 -8.45
C LEU A 125 3.30 14.62 -9.59
N SER A 126 2.46 15.31 -10.36
CA SER A 126 1.80 14.74 -11.51
C SER A 126 2.79 14.69 -12.70
N SER A 127 3.82 15.53 -12.65
CA SER A 127 4.86 15.57 -13.69
C SER A 127 6.18 15.80 -12.97
N GLY A 128 7.18 14.98 -13.27
CA GLY A 128 8.44 15.13 -12.58
C GLY A 128 8.40 14.27 -11.34
N VAL A 129 9.35 14.47 -10.44
CA VAL A 129 9.45 13.67 -9.23
C VAL A 129 9.84 14.51 -8.03
N ASN A 130 9.10 14.35 -6.94
CA ASN A 130 9.39 15.04 -5.69
C ASN A 130 9.04 14.09 -4.55
N GLU A 131 10.05 13.70 -3.78
CA GLU A 131 9.83 12.80 -2.65
C GLU A 131 9.66 13.60 -1.37
N PRO A 132 8.50 13.43 -0.71
CA PRO A 132 8.21 14.14 0.53
C PRO A 132 8.93 13.52 1.73
N ASP A 133 9.09 14.31 2.78
CA ASP A 133 9.71 13.81 4.00
C ASP A 133 8.63 13.22 4.89
N LEU A 134 7.48 13.89 4.91
CA LEU A 134 6.36 13.51 5.76
C LEU A 134 5.33 12.68 5.03
N LEU A 135 4.78 11.71 5.77
CA LEU A 135 3.75 10.81 5.28
C LEU A 135 2.55 11.59 4.73
N GLN A 136 2.13 11.24 3.51
CA GLN A 136 1.00 11.89 2.85
C GLN A 136 -0.24 11.01 2.94
N CYS A 137 -1.40 11.66 2.93
CA CYS A 137 -2.70 11.00 3.04
C CYS A 137 -3.63 11.46 1.95
N LEU A 138 -4.53 10.59 1.53
CA LEU A 138 -5.50 10.92 0.50
C LEU A 138 -6.81 10.20 0.76
N ASP A 139 -7.90 10.94 0.83
CA ASP A 139 -9.21 10.33 1.03
C ASP A 139 -9.77 10.13 -0.37
N ALA A 140 -10.07 8.89 -0.73
CA ALA A 140 -10.56 8.58 -2.07
C ALA A 140 -11.54 7.42 -2.03
N PRO A 141 -12.52 7.42 -2.93
CA PRO A 141 -13.52 6.35 -2.98
C PRO A 141 -13.18 5.19 -3.91
N LEU A 142 -13.77 4.02 -3.64
CA LEU A 142 -13.59 2.86 -4.50
C LEU A 142 -14.50 3.14 -5.69
N LEU A 143 -13.99 2.93 -6.89
CA LEU A 143 -14.75 3.18 -8.10
C LEU A 143 -15.38 1.90 -8.64
N PRO A 144 -16.49 2.03 -9.38
CA PRO A 144 -17.17 0.88 -9.95
C PRO A 144 -16.23 0.22 -10.95
N GLN A 145 -16.20 -1.10 -10.95
CA GLN A 145 -15.35 -1.85 -11.86
C GLN A 145 -15.55 -1.43 -13.31
N ALA A 146 -16.77 -1.03 -13.64
CA ALA A 146 -17.09 -0.58 -14.99
C ALA A 146 -16.28 0.66 -15.37
N ASP A 147 -16.13 1.62 -14.44
CA ASP A 147 -15.36 2.84 -14.71
C ASP A 147 -13.87 2.51 -14.67
N CYS A 148 -13.51 1.58 -13.83
CA CYS A 148 -12.12 1.14 -13.71
C CYS A 148 -11.65 0.55 -15.04
N GLU A 149 -12.31 -0.54 -15.46
CA GLU A 149 -11.98 -1.24 -16.70
C GLU A 149 -12.00 -0.33 -17.90
N ALA A 150 -12.99 0.55 -17.96
CA ALA A 150 -13.15 1.49 -19.08
C ALA A 150 -12.00 2.48 -19.20
N SER A 151 -11.58 3.05 -18.08
CA SER A 151 -10.50 4.03 -18.08
C SER A 151 -9.13 3.44 -18.33
N SER A 152 -8.91 2.23 -17.86
CA SER A 152 -7.62 1.56 -18.01
C SER A 152 -7.26 1.14 -19.41
N SER A 153 -6.05 1.51 -19.82
CA SER A 153 -5.54 1.17 -21.12
C SER A 153 -5.14 -0.32 -21.11
N PHE A 154 -4.92 -0.85 -19.92
CA PHE A 154 -4.52 -2.25 -19.74
C PHE A 154 -5.67 -3.06 -19.14
N ILE A 155 -5.55 -4.38 -19.21
CA ILE A 155 -6.59 -5.25 -18.67
C ILE A 155 -6.63 -5.25 -17.15
N ILE A 156 -7.80 -4.92 -16.61
CA ILE A 156 -8.05 -4.89 -15.19
C ILE A 156 -8.66 -6.24 -14.86
N THR A 157 -7.97 -7.02 -14.03
CA THR A 157 -8.48 -8.33 -13.66
C THR A 157 -9.41 -8.25 -12.46
N ASP A 158 -9.99 -9.38 -12.08
CA ASP A 158 -10.90 -9.46 -10.95
C ASP A 158 -10.14 -9.27 -9.63
N ASN A 159 -8.81 -9.24 -9.71
CA ASN A 159 -7.98 -9.07 -8.51
C ASN A 159 -7.48 -7.64 -8.37
N MET A 160 -8.06 -6.74 -9.14
CA MET A 160 -7.69 -5.34 -9.15
C MET A 160 -8.93 -4.50 -8.93
N VAL A 161 -8.75 -3.32 -8.36
CA VAL A 161 -9.84 -2.39 -8.10
C VAL A 161 -9.28 -0.97 -8.28
N CYS A 162 -10.08 -0.07 -8.84
CA CYS A 162 -9.65 1.31 -9.04
C CYS A 162 -10.15 2.13 -7.88
N VAL A 163 -9.29 3.02 -7.39
CA VAL A 163 -9.62 3.91 -6.29
C VAL A 163 -9.10 5.27 -6.74
N GLY A 164 -9.91 6.30 -6.58
CA GLY A 164 -9.44 7.60 -6.98
C GLY A 164 -10.47 8.48 -7.63
N PHE A 165 -10.00 9.33 -8.52
CA PHE A 165 -10.87 10.28 -9.20
C PHE A 165 -10.71 10.28 -10.69
N LEU A 166 -11.83 10.20 -11.40
CA LEU A 166 -11.81 10.20 -12.85
C LEU A 166 -11.38 11.58 -13.37
N GLU A 167 -11.51 12.61 -12.55
CA GLU A 167 -11.10 13.94 -12.97
C GLU A 167 -9.59 14.19 -12.82
N GLY A 168 -8.90 13.29 -12.12
CA GLY A 168 -7.46 13.47 -11.91
C GLY A 168 -7.14 14.47 -10.82
N GLY A 169 -5.87 14.86 -10.72
CA GLY A 169 -5.44 15.80 -9.71
C GLY A 169 -5.00 15.15 -8.41
N LYS A 170 -5.61 14.03 -8.05
CA LYS A 170 -5.32 13.31 -6.81
C LYS A 170 -5.13 11.83 -7.13
N ASP A 171 -4.02 11.24 -6.69
CA ASP A 171 -3.73 9.84 -7.01
C ASP A 171 -2.50 9.37 -6.22
N ALA A 172 -2.23 8.08 -6.27
CA ALA A 172 -1.03 7.54 -5.64
C ALA A 172 0.01 7.68 -6.78
N CYS A 173 1.26 7.33 -6.52
CA CYS A 173 2.29 7.46 -7.53
C CYS A 173 3.49 6.59 -7.13
N GLN A 174 4.57 6.69 -7.89
CA GLN A 174 5.79 5.92 -7.62
C GLN A 174 6.26 6.11 -6.17
N GLY A 175 6.61 5.01 -5.50
CA GLY A 175 7.05 5.11 -4.13
C GLY A 175 5.93 4.82 -3.16
N ASP A 176 4.68 4.88 -3.61
CA ASP A 176 3.54 4.57 -2.76
C ASP A 176 3.23 3.09 -2.85
N SER A 177 3.74 2.45 -3.91
CA SER A 177 3.56 1.02 -4.16
C SER A 177 3.72 0.13 -2.94
N GLY A 178 2.78 -0.79 -2.79
CA GLY A 178 2.81 -1.71 -1.66
C GLY A 178 2.04 -1.15 -0.48
N GLY A 179 1.80 0.16 -0.51
CA GLY A 179 1.10 0.84 0.56
C GLY A 179 -0.36 0.47 0.74
N PRO A 180 -0.99 0.87 1.85
CA PRO A 180 -2.38 0.58 2.19
C PRO A 180 -3.51 1.48 1.67
N VAL A 181 -4.66 0.84 1.46
CA VAL A 181 -5.91 1.50 1.08
C VAL A 181 -6.84 0.88 2.12
N VAL A 182 -7.14 1.67 3.14
CA VAL A 182 -7.94 1.25 4.27
C VAL A 182 -9.31 1.92 4.25
N CYS A 183 -10.36 1.10 4.28
CA CYS A 183 -11.72 1.59 4.24
C CYS A 183 -12.44 1.04 5.43
N ASN A 184 -12.99 1.94 6.26
CA ASN A 184 -13.71 1.53 7.45
C ASN A 184 -12.92 0.58 8.34
N GLY A 185 -11.64 0.88 8.53
CA GLY A 185 -10.79 0.08 9.39
C GLY A 185 -10.24 -1.23 8.86
N GLU A 186 -10.52 -1.53 7.59
CA GLU A 186 -10.03 -2.76 6.99
C GLU A 186 -9.18 -2.49 5.74
N LEU A 187 -8.12 -3.27 5.57
CA LEU A 187 -7.23 -3.15 4.41
C LEU A 187 -7.96 -3.70 3.18
N GLN A 188 -8.38 -2.82 2.28
CA GLN A 188 -9.10 -3.27 1.09
C GLN A 188 -8.26 -3.29 -0.18
N GLY A 189 -7.15 -2.55 -0.17
CA GLY A 189 -6.33 -2.53 -1.35
C GLY A 189 -4.88 -2.28 -1.09
N ILE A 190 -4.06 -2.57 -2.10
CA ILE A 190 -2.61 -2.39 -2.04
C ILE A 190 -2.23 -1.59 -3.29
N VAL A 191 -1.48 -0.50 -3.10
CA VAL A 191 -1.05 0.35 -4.21
C VAL A 191 -0.27 -0.50 -5.20
N SER A 192 -0.77 -0.62 -6.42
CA SER A 192 -0.14 -1.47 -7.39
C SER A 192 0.45 -0.77 -8.62
N TRP A 193 -0.40 -0.18 -9.45
CA TRP A 193 0.07 0.47 -10.66
C TRP A 193 -0.93 1.47 -11.21
N GLY A 194 -0.49 2.20 -12.22
CA GLY A 194 -1.35 3.18 -12.86
C GLY A 194 -0.61 3.71 -14.07
N TYR A 195 -1.37 4.31 -14.97
CA TYR A 195 -0.83 4.93 -16.17
C TYR A 195 -0.62 6.38 -15.76
N GLY A 196 0.62 6.76 -15.49
CA GLY A 196 0.89 8.11 -15.06
C GLY A 196 0.49 8.28 -13.60
N CYS A 197 0.38 9.54 -13.16
CA CYS A 197 -0.04 9.86 -11.79
C CYS A 197 -0.94 11.09 -11.77
N ALA A 198 -2.15 10.92 -11.26
CA ALA A 198 -3.12 12.01 -11.14
C ALA A 198 -3.66 12.50 -12.48
N LEU A 199 -3.60 11.68 -13.52
CA LEU A 199 -4.10 12.08 -14.83
C LEU A 199 -5.61 11.86 -14.93
N PRO A 200 -6.30 12.76 -15.64
CA PRO A 200 -7.74 12.64 -15.80
C PRO A 200 -8.01 11.34 -16.52
N ASP A 201 -9.10 10.70 -16.14
CA ASP A 201 -9.55 9.45 -16.72
C ASP A 201 -8.60 8.29 -16.53
N ASN A 202 -7.66 8.42 -15.61
CA ASN A 202 -6.69 7.36 -15.36
C ASN A 202 -6.47 7.18 -13.86
N PRO A 203 -7.48 6.62 -13.18
CA PRO A 203 -7.40 6.39 -11.74
C PRO A 203 -6.37 5.30 -11.43
N GLY A 204 -5.82 5.31 -10.23
CA GLY A 204 -4.83 4.31 -9.85
C GLY A 204 -5.46 2.95 -9.70
N VAL A 205 -4.65 1.90 -9.86
CA VAL A 205 -5.14 0.53 -9.75
C VAL A 205 -4.50 -0.17 -8.55
N TYR A 206 -5.34 -0.86 -7.78
CA TYR A 206 -4.89 -1.52 -6.56
C TYR A 206 -5.24 -3.00 -6.52
N THR A 207 -4.46 -3.77 -5.77
CA THR A 207 -4.71 -5.19 -5.62
C THR A 207 -5.92 -5.31 -4.70
N LYS A 208 -6.88 -6.13 -5.09
CA LYS A 208 -8.10 -6.35 -4.31
C LYS A 208 -7.79 -7.35 -3.20
N VAL A 209 -7.47 -6.84 -2.01
CA VAL A 209 -7.10 -7.67 -0.85
C VAL A 209 -8.14 -8.71 -0.40
N CYS A 210 -9.43 -8.39 -0.49
CA CYS A 210 -10.47 -9.34 -0.07
C CYS A 210 -10.40 -10.68 -0.81
N ASN A 211 -9.69 -10.71 -1.94
CA ASN A 211 -9.53 -11.93 -2.74
C ASN A 211 -8.38 -12.80 -2.23
N TYR A 212 -7.58 -12.30 -1.29
CA TYR A 212 -6.43 -13.06 -0.80
C TYR A 212 -6.41 -13.36 0.68
N VAL A 213 -7.50 -13.09 1.39
CA VAL A 213 -7.52 -13.33 2.83
C VAL A 213 -7.12 -14.75 3.19
N ASP A 214 -7.63 -15.73 2.45
CA ASP A 214 -7.28 -17.12 2.72
C ASP A 214 -5.80 -17.39 2.50
N TRP A 215 -5.26 -16.94 1.37
CA TRP A 215 -3.85 -17.14 1.07
C TRP A 215 -2.97 -16.47 2.13
N ILE A 216 -3.36 -15.29 2.59
CA ILE A 216 -2.61 -14.57 3.61
C ILE A 216 -2.54 -15.39 4.90
N GLN A 217 -3.68 -15.84 5.39
CA GLN A 217 -3.72 -16.63 6.62
C GLN A 217 -2.99 -17.95 6.47
N ASP A 218 -3.18 -18.61 5.34
CA ASP A 218 -2.52 -19.88 5.08
C ASP A 218 -1.00 -19.72 5.12
N THR A 219 -0.50 -18.70 4.44
CA THR A 219 0.93 -18.45 4.38
C THR A 219 1.50 -18.10 5.75
N ILE A 220 0.77 -17.32 6.51
CA ILE A 220 1.20 -16.93 7.84
C ILE A 220 1.29 -18.14 8.77
N ALA A 221 0.31 -19.03 8.69
CA ALA A 221 0.27 -20.23 9.51
C ALA A 221 1.36 -21.22 9.14
N ALA A 222 1.62 -21.32 7.85
CA ALA A 222 2.62 -22.23 7.32
C ALA A 222 4.04 -21.68 7.40
N ASN A 223 4.20 -20.48 7.96
CA ASN A 223 5.53 -19.86 8.04
C ASN A 223 5.82 -19.23 9.39
CA CA B . 11.66 9.32 11.24
S SO4 C . 6.83 1.65 -7.93
O1 SO4 C . 7.18 0.42 -7.34
O2 SO4 C . 6.43 2.59 -6.93
O3 SO4 C . 7.85 2.14 -8.77
O4 SO4 C . 5.73 1.22 -8.72
N1 ZEN D . -1.24 -4.46 -16.98
C2 ZEN D . -0.36 -4.22 -17.99
C3 ZEN D . 0.76 -3.40 -17.76
C5 ZEN D . 0.04 -3.11 -15.46
C6 ZEN D . -1.06 -3.93 -15.74
C4 ZEN D . 0.96 -2.83 -16.48
N7 ZEN D . 2.10 -2.01 -16.24
C8 ZEN D . 2.88 -1.45 -17.37
C9 ZEN D . 2.81 0.09 -17.35
C11 ZEN D . 2.48 0.07 -14.85
C12 ZEN D . 2.43 -1.49 -14.87
C10 ZEN D . 3.38 0.63 -16.00
C13 ZEN D . 3.38 2.16 -15.98
O23 ZEN D . 2.53 2.68 -16.72
N14 ZEN D . 4.21 2.90 -15.25
C15 ZEN D . 5.26 2.34 -14.35
C16 ZEN D . 5.06 2.92 -12.92
C18 ZEN D . 3.87 4.88 -13.84
C19 ZEN D . 4.11 4.38 -15.29
N17 ZEN D . 4.98 4.41 -12.99
S20 ZEN D . 4.98 5.09 -11.50
O21 ZEN D . 4.89 6.53 -11.66
O22 ZEN D . 6.17 4.62 -10.85
C24 ZEN D . 3.58 4.54 -10.55
C25 ZEN D . 2.31 5.16 -10.68
C33 ZEN D . 3.72 3.44 -9.68
C34 ZEN D . 2.63 2.98 -8.93
C26 ZEN D . 1.21 4.71 -9.92
C27 ZEN D . 1.37 3.62 -9.04
C28 ZEN D . 0.30 3.16 -8.30
C30 ZEN D . -1.15 4.87 -9.28
C31 ZEN D . -0.06 5.33 -10.03
C29 ZEN D . -0.96 3.77 -8.40
CL32 ZEN D . -2.27 3.11 -7.47
#